data_4UX5
#
_entry.id   4UX5
#
_cell.length_a   117.360
_cell.length_b   117.360
_cell.length_c   65.890
_cell.angle_alpha   90.00
_cell.angle_beta   90.00
_cell.angle_gamma   90.00
#
_symmetry.space_group_name_H-M   'P 4 21 2'
#
loop_
_entity.id
_entity.type
_entity.pdbx_description
1 polymer 'TRANSCRIPTION FACTOR MBP1'
2 polymer "5'-D(*CP*AP*AP*TP*GP*AP*CP*GP*CP*GP*TP*AP*AP*GP)-3'"
3 polymer "5'-D(*CP*TP*TP*AP*CP*GP*CP*GP*TP*CP*AP*TP*TP*GP)-3'"
4 water water
#
loop_
_entity_poly.entity_id
_entity_poly.type
_entity_poly.pdbx_seq_one_letter_code
_entity_poly.pdbx_strand_id
1 'polypeptide(L)'
;MVKAAAAAASAPTGPGIYSATYSGIPVYEYQFGLKEHVMRRRVDDWINATHILKAAGFDKPARTRILEREVQKDQHEKVQ
GGYGKYQGTWIPLEAGEALAHRNNIFDRLRPIFEFSPGPDSPPPAPRHTSKPKQPK
;
A,B
2 'polydeoxyribonucleotide' (DC)(DA)(DA)(DT)(DG)(DA)(DC)(DG)(DC)(DG)(DT)(DA)(DA)(DG) C
3 'polydeoxyribonucleotide' (DC)(DT)(DT)(DA)(DC)(DG)(DC)(DG)(DT)(DC)(DA)(DT)(DT)(DG) D
#
# COMPACT_ATOMS: atom_id res chain seq x y z
N GLY A 14 6.79 28.99 -15.56
CA GLY A 14 7.02 29.25 -14.15
C GLY A 14 6.12 28.44 -13.25
N PRO A 15 6.06 28.80 -11.96
CA PRO A 15 5.21 28.10 -10.99
C PRO A 15 3.73 28.37 -11.19
N GLY A 16 2.92 27.32 -11.23
CA GLY A 16 1.49 27.48 -11.42
C GLY A 16 0.70 26.17 -11.40
N ILE A 17 -0.58 26.27 -11.71
CA ILE A 17 -1.47 25.12 -11.68
C ILE A 17 -1.55 24.43 -13.04
N TYR A 18 -1.42 23.11 -13.03
CA TYR A 18 -1.53 22.33 -14.24
C TYR A 18 -2.55 21.20 -14.06
N SER A 19 -2.94 20.55 -15.16
CA SER A 19 -3.95 19.49 -15.09
C SER A 19 -3.45 18.20 -15.73
N ALA A 20 -3.19 17.19 -14.89
CA ALA A 20 -2.65 15.92 -15.38
C ALA A 20 -3.59 14.76 -15.11
N THR A 21 -3.24 13.59 -15.66
CA THR A 21 -4.03 12.38 -15.44
C THR A 21 -3.11 11.19 -15.17
N TYR A 22 -3.26 10.61 -13.98
CA TYR A 22 -2.44 9.46 -13.60
C TYR A 22 -3.33 8.27 -13.26
N SER A 23 -3.11 7.17 -13.97
CA SER A 23 -3.91 5.96 -13.82
C SER A 23 -5.40 6.23 -14.00
N GLY A 24 -5.72 7.13 -14.93
CA GLY A 24 -7.10 7.47 -15.22
C GLY A 24 -7.72 8.35 -14.16
N ILE A 25 -6.88 8.97 -13.34
CA ILE A 25 -7.35 9.86 -12.29
C ILE A 25 -6.90 11.29 -12.55
N PRO A 26 -7.85 12.14 -12.98
CA PRO A 26 -7.60 13.57 -13.23
C PRO A 26 -7.24 14.31 -11.94
N VAL A 27 -6.15 15.06 -11.98
CA VAL A 27 -5.75 15.87 -10.82
C VAL A 27 -5.39 17.29 -11.23
N TYR A 28 -5.39 18.19 -10.24
CA TYR A 28 -4.77 19.49 -10.40
C TYR A 28 -3.39 19.40 -9.79
N GLU A 29 -2.38 19.93 -10.48
CA GLU A 29 -1.02 19.85 -9.98
C GLU A 29 -0.36 21.23 -9.93
N TYR A 30 0.02 21.64 -8.72
CA TYR A 30 0.74 22.89 -8.52
C TYR A 30 2.24 22.62 -8.55
N GLN A 31 2.94 23.20 -9.52
CA GLN A 31 4.37 23.00 -9.65
C GLN A 31 5.14 24.24 -9.21
N PHE A 32 6.30 24.02 -8.60
CA PHE A 32 7.12 25.09 -8.03
C PHE A 32 8.46 24.49 -7.65
N GLY A 33 9.55 25.20 -7.91
CA GLY A 33 10.85 24.64 -7.58
C GLY A 33 11.96 24.52 -8.63
N LEU A 34 11.70 24.03 -9.84
CA LEU A 34 10.36 23.71 -10.36
C LEU A 34 10.06 22.21 -10.37
N LYS A 35 10.75 21.46 -9.52
CA LYS A 35 10.57 20.02 -9.47
C LYS A 35 9.58 19.57 -8.39
N GLU A 36 9.33 20.44 -7.42
CA GLU A 36 8.37 20.12 -6.36
C GLU A 36 6.94 20.22 -6.90
N HIS A 37 6.03 19.52 -6.25
CA HIS A 37 4.63 19.51 -6.68
C HIS A 37 3.68 19.09 -5.58
N VAL A 38 2.44 19.55 -5.68
CA VAL A 38 1.36 19.11 -4.79
C VAL A 38 0.14 18.81 -5.65
N MET A 39 -0.40 17.60 -5.52
CA MET A 39 -1.52 17.19 -6.34
C MET A 39 -2.85 17.28 -5.61
N ARG A 40 -3.87 17.78 -6.31
CA ARG A 40 -5.23 17.79 -5.81
C ARG A 40 -6.13 17.03 -6.78
N ARG A 41 -6.87 16.05 -6.28
CA ARG A 41 -7.75 15.26 -7.13
C ARG A 41 -8.93 16.08 -7.63
N ARG A 42 -9.33 15.82 -8.87
CA ARG A 42 -10.42 16.59 -9.48
C ARG A 42 -11.80 16.09 -9.04
N VAL A 43 -11.89 14.80 -8.72
CA VAL A 43 -13.18 14.17 -8.48
C VAL A 43 -13.71 14.41 -7.07
N ASP A 44 -12.82 14.64 -6.10
CA ASP A 44 -13.25 14.85 -4.72
C ASP A 44 -12.44 15.90 -3.98
N ASP A 45 -11.54 16.56 -4.71
CA ASP A 45 -10.68 17.60 -4.15
C ASP A 45 -9.80 17.11 -3.00
N TRP A 46 -9.61 15.80 -2.90
CA TRP A 46 -8.67 15.28 -1.92
C TRP A 46 -7.25 15.64 -2.35
N ILE A 47 -6.38 15.90 -1.38
CA ILE A 47 -5.05 16.40 -1.67
C ILE A 47 -3.98 15.49 -1.07
N ASN A 48 -2.81 15.46 -1.69
CA ASN A 48 -1.72 14.59 -1.26
C ASN A 48 -0.98 15.16 -0.06
N ALA A 49 -1.21 14.58 1.11
CA ALA A 49 -0.60 15.05 2.35
C ALA A 49 0.91 14.82 2.37
N THR A 50 1.35 13.80 1.63
CA THR A 50 2.77 13.50 1.54
C THR A 50 3.50 14.58 0.75
N HIS A 51 2.85 15.09 -0.29
CA HIS A 51 3.38 16.21 -1.07
C HIS A 51 3.49 17.48 -0.23
N ILE A 52 2.51 17.68 0.64
CA ILE A 52 2.49 18.87 1.50
C ILE A 52 3.63 18.84 2.50
N LEU A 53 3.79 17.72 3.19
CA LEU A 53 4.85 17.57 4.18
C LEU A 53 6.24 17.61 3.53
N LYS A 54 6.32 17.21 2.26
CA LYS A 54 7.56 17.31 1.50
C LYS A 54 7.82 18.75 1.09
N ALA A 55 6.75 19.52 0.92
CA ALA A 55 6.87 20.94 0.61
C ALA A 55 7.44 21.67 1.83
N ALA A 56 7.05 21.21 3.02
CA ALA A 56 7.69 21.64 4.25
C ALA A 56 9.06 20.97 4.34
N GLY A 57 9.85 21.33 5.34
CA GLY A 57 11.21 20.86 5.43
C GLY A 57 11.40 19.41 5.84
N PHE A 58 10.30 18.68 6.01
CA PHE A 58 10.33 17.33 6.55
C PHE A 58 10.92 16.29 5.61
N ASP A 59 11.85 15.49 6.13
CA ASP A 59 12.40 14.36 5.38
C ASP A 59 11.58 13.10 5.67
N LYS A 60 12.02 11.96 5.13
CA LYS A 60 11.23 10.74 5.17
C LYS A 60 10.81 10.30 6.59
N PRO A 61 11.76 10.15 7.53
CA PRO A 61 11.32 9.66 8.85
C PRO A 61 10.42 10.65 9.59
N ALA A 62 10.65 11.95 9.37
CA ALA A 62 9.88 12.99 10.04
C ALA A 62 8.41 12.96 9.62
N ARG A 63 8.18 12.97 8.32
CA ARG A 63 6.81 12.95 7.82
C ARG A 63 6.17 11.59 7.99
N THR A 64 6.99 10.54 8.07
CA THR A 64 6.50 9.20 8.38
C THR A 64 5.81 9.22 9.74
N ARG A 65 6.45 9.87 10.72
CA ARG A 65 5.89 9.98 12.05
C ARG A 65 4.61 10.83 12.06
N ILE A 66 4.64 11.95 11.34
CA ILE A 66 3.50 12.84 11.27
C ILE A 66 2.30 12.17 10.59
N LEU A 67 2.57 11.48 9.50
CA LEU A 67 1.51 10.78 8.77
C LEU A 67 0.88 9.69 9.62
N GLU A 68 1.70 8.96 10.35
CA GLU A 68 1.23 7.82 11.15
C GLU A 68 0.52 8.25 12.43
N ARG A 69 1.08 9.24 13.12
CA ARG A 69 0.59 9.62 14.44
C ARG A 69 -0.52 10.65 14.42
N GLU A 70 -0.71 11.30 13.27
CA GLU A 70 -1.67 12.39 13.17
C GLU A 70 -2.61 12.25 11.99
N VAL A 71 -2.05 12.23 10.79
CA VAL A 71 -2.84 12.22 9.56
C VAL A 71 -3.68 10.95 9.40
N GLN A 72 -3.10 9.80 9.72
CA GLN A 72 -3.79 8.51 9.57
C GLN A 72 -4.95 8.34 10.55
N LYS A 73 -4.99 9.17 11.58
CA LYS A 73 -6.04 9.05 12.60
C LYS A 73 -7.32 9.73 12.16
N ASP A 74 -7.34 10.23 10.93
CA ASP A 74 -8.55 10.82 10.35
C ASP A 74 -8.88 10.15 9.03
N GLN A 75 -9.86 10.72 8.33
CA GLN A 75 -10.25 10.24 7.01
C GLN A 75 -9.08 10.30 6.04
N HIS A 76 -8.68 9.16 5.49
CA HIS A 76 -7.51 9.11 4.63
C HIS A 76 -7.48 7.91 3.69
N GLU A 77 -6.66 8.01 2.64
CA GLU A 77 -6.44 6.93 1.69
C GLU A 77 -4.96 6.85 1.32
N LYS A 78 -4.37 5.68 1.51
CA LYS A 78 -2.96 5.49 1.19
C LYS A 78 -2.78 4.85 -0.18
N VAL A 79 -1.89 5.44 -0.98
CA VAL A 79 -1.63 4.94 -2.33
C VAL A 79 -0.17 4.57 -2.54
N GLN A 80 0.07 3.28 -2.78
CA GLN A 80 1.41 2.81 -3.13
C GLN A 80 1.32 2.03 -4.43
N GLY A 81 2.37 2.12 -5.25
CA GLY A 81 2.32 1.54 -6.58
C GLY A 81 1.59 2.48 -7.52
N GLY A 82 1.61 2.16 -8.81
CA GLY A 82 1.09 3.05 -9.82
C GLY A 82 2.15 4.07 -10.15
N TYR A 83 1.79 5.15 -10.83
CA TYR A 83 2.74 6.19 -11.16
C TYR A 83 3.32 6.79 -9.88
N GLY A 84 4.64 6.83 -9.81
CA GLY A 84 5.35 7.19 -8.59
C GLY A 84 4.97 8.49 -7.92
N LYS A 85 4.86 9.56 -8.71
CA LYS A 85 4.61 10.89 -8.17
C LYS A 85 3.20 11.05 -7.61
N TYR A 86 2.29 10.17 -8.01
CA TYR A 86 0.92 10.21 -7.51
C TYR A 86 0.83 9.58 -6.13
N GLN A 87 1.80 8.74 -5.79
CA GLN A 87 1.79 8.01 -4.52
C GLN A 87 1.79 8.94 -3.31
N GLY A 88 1.29 8.42 -2.19
CA GLY A 88 1.29 9.17 -0.95
C GLY A 88 0.02 8.95 -0.15
N THR A 89 -0.14 9.74 0.90
CA THR A 89 -1.33 9.65 1.74
C THR A 89 -2.30 10.78 1.39
N TRP A 90 -3.49 10.41 0.94
CA TRP A 90 -4.46 11.41 0.48
C TRP A 90 -5.54 11.69 1.53
N ILE A 91 -5.87 12.96 1.69
CA ILE A 91 -6.87 13.41 2.66
C ILE A 91 -7.77 14.48 2.04
N PRO A 92 -8.98 14.66 2.61
CA PRO A 92 -9.88 15.73 2.14
C PRO A 92 -9.22 17.11 2.19
N LEU A 93 -9.71 18.02 1.34
CA LEU A 93 -9.05 19.31 1.13
C LEU A 93 -8.96 20.16 2.40
N GLU A 94 -10.03 20.16 3.20
CA GLU A 94 -10.05 20.95 4.42
C GLU A 94 -9.06 20.41 5.44
N ALA A 95 -8.84 19.10 5.41
CA ALA A 95 -7.85 18.47 6.27
C ALA A 95 -6.46 18.80 5.77
N GLY A 96 -6.33 18.92 4.45
CA GLY A 96 -5.07 19.32 3.84
C GLY A 96 -4.72 20.76 4.17
N GLU A 97 -5.72 21.63 4.13
CA GLU A 97 -5.53 23.04 4.49
C GLU A 97 -5.13 23.16 5.95
N ALA A 98 -5.76 22.37 6.80
CA ALA A 98 -5.45 22.35 8.23
C ALA A 98 -4.01 21.89 8.45
N LEU A 99 -3.65 20.79 7.81
CA LEU A 99 -2.31 20.23 7.90
C LEU A 99 -1.25 21.23 7.43
N ALA A 100 -1.55 21.94 6.35
CA ALA A 100 -0.62 22.91 5.79
C ALA A 100 -0.41 24.08 6.74
N HIS A 101 -1.47 24.47 7.43
CA HIS A 101 -1.38 25.52 8.43
C HIS A 101 -0.54 25.07 9.62
N ARG A 102 -0.91 23.92 10.18
CA ARG A 102 -0.22 23.36 11.37
C ARG A 102 1.27 23.17 11.14
N ASN A 103 1.67 22.98 9.89
CA ASN A 103 3.07 22.77 9.56
C ASN A 103 3.68 23.96 8.81
N ASN A 104 3.02 25.11 8.91
CA ASN A 104 3.57 26.38 8.45
C ASN A 104 3.97 26.39 6.97
N ILE A 105 3.06 26.02 6.08
CA ILE A 105 3.39 25.90 4.66
C ILE A 105 2.22 26.31 3.76
N PHE A 106 1.12 26.72 4.38
CA PHE A 106 -0.08 27.08 3.62
C PHE A 106 0.16 28.22 2.63
N ASP A 107 0.98 29.19 3.02
CA ASP A 107 1.24 30.35 2.18
C ASP A 107 1.95 29.98 0.88
N ARG A 108 2.94 29.10 0.97
CA ARG A 108 3.69 28.69 -0.21
C ARG A 108 2.84 27.83 -1.14
N LEU A 109 1.85 27.15 -0.55
CA LEU A 109 1.00 26.23 -1.31
C LEU A 109 -0.38 26.81 -1.59
N ARG A 110 -0.53 28.11 -1.37
CA ARG A 110 -1.84 28.78 -1.50
C ARG A 110 -2.58 28.50 -2.83
N PRO A 111 -1.88 28.54 -3.99
CA PRO A 111 -2.64 28.33 -5.23
C PRO A 111 -3.36 26.98 -5.36
N ILE A 112 -2.82 25.92 -4.77
CA ILE A 112 -3.45 24.60 -4.91
C ILE A 112 -4.68 24.48 -4.02
N PHE A 113 -4.77 25.34 -3.01
CA PHE A 113 -5.91 25.33 -2.11
C PHE A 113 -7.01 26.28 -2.58
N GLU A 114 -6.61 27.35 -3.27
CA GLU A 114 -7.54 28.39 -3.65
C GLU A 114 -8.04 28.24 -5.09
N PHE A 115 -7.42 27.34 -5.85
CA PHE A 115 -7.82 27.14 -7.24
C PHE A 115 -9.26 26.69 -7.37
N SER A 116 -9.95 27.25 -8.36
CA SER A 116 -11.34 26.89 -8.62
C SER A 116 -11.63 26.99 -10.11
N PRO A 117 -12.11 25.89 -10.70
CA PRO A 117 -12.45 25.88 -12.13
C PRO A 117 -13.67 26.75 -12.42
N GLY A 118 -14.51 26.93 -11.40
CA GLY A 118 -15.77 27.62 -11.54
C GLY A 118 -16.86 26.78 -10.91
N PRO A 119 -17.91 26.47 -11.68
CA PRO A 119 -18.95 25.54 -11.20
C PRO A 119 -18.58 24.07 -11.43
N ASP A 120 -18.59 23.22 -10.41
CA ASP A 120 -18.77 23.58 -9.00
C ASP A 120 -18.16 22.47 -8.12
N SER A 121 -17.71 22.85 -6.93
CA SER A 121 -16.97 21.95 -6.04
C SER A 121 -17.74 20.68 -5.66
N PRO A 122 -17.02 19.57 -5.47
CA PRO A 122 -17.62 18.30 -5.05
C PRO A 122 -17.90 18.22 -3.55
N PRO A 123 -18.99 17.53 -3.17
CA PRO A 123 -19.41 17.37 -1.78
C PRO A 123 -18.46 16.48 -0.98
N PRO A 124 -18.49 16.59 0.36
CA PRO A 124 -17.72 15.73 1.26
C PRO A 124 -18.03 14.24 1.05
N ALA A 125 -17.01 13.47 0.69
CA ALA A 125 -17.19 12.04 0.44
C ALA A 125 -17.25 11.26 1.75
N PRO A 126 -17.93 10.10 1.74
CA PRO A 126 -17.98 9.23 2.93
C PRO A 126 -16.75 8.34 3.07
N GLY B 14 18.32 -23.95 8.11
CA GLY B 14 17.30 -24.59 8.90
C GLY B 14 15.93 -23.92 8.74
N PRO B 15 15.15 -24.39 7.76
CA PRO B 15 13.80 -23.85 7.50
C PRO B 15 12.87 -24.03 8.69
N GLY B 16 11.95 -23.08 8.89
CA GLY B 16 11.03 -23.14 10.00
C GLY B 16 9.94 -22.09 9.94
N ILE B 17 8.94 -22.25 10.80
CA ILE B 17 7.84 -21.31 10.87
C ILE B 17 8.06 -20.33 12.02
N TYR B 18 7.96 -19.04 11.71
CA TYR B 18 8.20 -18.01 12.72
C TYR B 18 7.05 -17.02 12.81
N SER B 19 7.01 -16.27 13.91
CA SER B 19 5.99 -15.25 14.10
C SER B 19 6.49 -13.89 13.67
N ALA B 20 5.61 -13.10 13.09
CA ALA B 20 5.94 -11.74 12.69
C ALA B 20 4.68 -10.90 12.61
N THR B 21 4.85 -9.59 12.69
CA THR B 21 3.71 -8.68 12.61
C THR B 21 4.00 -7.56 11.61
N TYR B 22 3.06 -7.36 10.69
CA TYR B 22 3.18 -6.29 9.70
C TYR B 22 1.91 -5.45 9.68
N SER B 23 2.06 -4.18 10.02
CA SER B 23 0.92 -3.24 10.13
C SER B 23 -0.13 -3.75 11.10
N GLY B 24 0.32 -4.30 12.23
CA GLY B 24 -0.57 -4.78 13.26
C GLY B 24 -1.20 -6.11 12.94
N ILE B 25 -0.72 -6.74 11.87
CA ILE B 25 -1.27 -8.03 11.43
C ILE B 25 -0.30 -9.17 11.71
N PRO B 26 -0.59 -9.97 12.75
CA PRO B 26 0.23 -11.13 13.08
C PRO B 26 0.16 -12.18 11.98
N VAL B 27 1.31 -12.70 11.55
CA VAL B 27 1.37 -13.73 10.53
C VAL B 27 2.32 -14.85 10.92
N TYR B 28 2.14 -16.03 10.32
CA TYR B 28 3.14 -17.09 10.39
C TYR B 28 4.00 -17.01 9.14
N GLU B 29 5.31 -16.99 9.32
CA GLU B 29 6.22 -16.84 8.17
C GLU B 29 7.12 -18.04 8.02
N TYR B 30 6.81 -18.91 7.06
CA TYR B 30 7.62 -20.08 6.78
C TYR B 30 8.86 -19.69 5.99
N GLN B 31 10.00 -19.69 6.67
CA GLN B 31 11.26 -19.34 6.03
C GLN B 31 11.99 -20.59 5.55
N PHE B 32 12.57 -20.50 4.36
CA PHE B 32 13.22 -21.63 3.72
C PHE B 32 13.97 -21.11 2.50
N GLY B 33 15.03 -21.81 2.09
CA GLY B 33 15.70 -21.39 0.86
C GLY B 33 17.17 -20.99 0.80
N LEU B 34 17.66 -20.12 1.69
CA LEU B 34 17.00 -19.70 2.93
C LEU B 34 16.29 -18.35 2.88
N LYS B 35 16.32 -17.68 1.74
CA LYS B 35 15.75 -16.33 1.66
C LYS B 35 14.32 -16.31 1.13
N GLU B 36 13.75 -17.48 0.85
CA GLU B 36 12.37 -17.57 0.41
C GLU B 36 11.44 -17.62 1.60
N HIS B 37 10.18 -17.24 1.40
CA HIS B 37 9.20 -17.25 2.49
C HIS B 37 7.77 -17.30 1.98
N VAL B 38 6.88 -17.82 2.82
CA VAL B 38 5.44 -17.82 2.54
C VAL B 38 4.71 -17.42 3.82
N MET B 39 3.81 -16.45 3.72
CA MET B 39 3.11 -15.96 4.91
C MET B 39 1.67 -16.44 4.99
N ARG B 40 1.26 -16.81 6.19
CA ARG B 40 -0.14 -17.13 6.48
C ARG B 40 -0.62 -16.25 7.64
N ARG B 41 -1.78 -15.63 7.47
CA ARG B 41 -2.33 -14.78 8.52
C ARG B 41 -2.83 -15.60 9.70
N ARG B 42 -2.75 -15.02 10.89
CA ARG B 42 -3.13 -15.71 12.13
C ARG B 42 -4.63 -15.64 12.37
N VAL B 43 -5.26 -14.55 11.95
CA VAL B 43 -6.66 -14.29 12.30
C VAL B 43 -7.66 -15.06 11.43
N ASP B 44 -7.29 -15.36 10.18
CA ASP B 44 -8.22 -16.01 9.26
C ASP B 44 -7.56 -17.12 8.45
N ASP B 45 -6.27 -17.35 8.71
CA ASP B 45 -5.49 -18.37 8.02
C ASP B 45 -5.36 -18.14 6.52
N TRP B 46 -5.69 -16.93 6.06
CA TRP B 46 -5.52 -16.60 4.65
C TRP B 46 -4.02 -16.64 4.32
N ILE B 47 -3.71 -17.06 3.11
CA ILE B 47 -2.31 -17.22 2.72
C ILE B 47 -1.98 -16.33 1.53
N ASN B 48 -0.71 -15.96 1.41
CA ASN B 48 -0.25 -15.09 0.34
C ASN B 48 0.00 -15.88 -0.95
N ALA B 49 -0.90 -15.72 -1.91
CA ALA B 49 -0.82 -16.47 -3.17
C ALA B 49 0.36 -16.02 -4.03
N THR B 50 0.79 -14.77 -3.84
CA THR B 50 1.96 -14.26 -4.56
C THR B 50 3.21 -15.00 -4.10
N HIS B 51 3.29 -15.25 -2.79
CA HIS B 51 4.42 -16.00 -2.23
C HIS B 51 4.46 -17.41 -2.78
N ILE B 52 3.29 -18.03 -2.92
CA ILE B 52 3.19 -19.40 -3.41
C ILE B 52 3.66 -19.50 -4.85
N LEU B 53 3.14 -18.62 -5.70
CA LEU B 53 3.55 -18.59 -7.10
C LEU B 53 5.03 -18.27 -7.24
N LYS B 54 5.53 -17.45 -6.32
CA LYS B 54 6.94 -17.09 -6.31
C LYS B 54 7.80 -18.31 -5.99
N ALA B 55 7.31 -19.15 -5.08
CA ALA B 55 8.01 -20.37 -4.69
C ALA B 55 7.97 -21.40 -5.82
N ALA B 56 6.96 -21.29 -6.68
CA ALA B 56 6.80 -22.20 -7.81
C ALA B 56 7.78 -21.86 -8.93
N GLY B 57 8.43 -20.71 -8.81
CA GLY B 57 9.46 -20.32 -9.77
C GLY B 57 8.99 -19.34 -10.82
N PHE B 58 7.76 -18.85 -10.70
CA PHE B 58 7.25 -17.89 -11.67
C PHE B 58 7.85 -16.50 -11.47
N ASP B 59 8.25 -15.88 -12.57
CA ASP B 59 8.79 -14.52 -12.54
C ASP B 59 7.66 -13.51 -12.37
N LYS B 60 8.03 -12.22 -12.35
CA LYS B 60 7.06 -11.14 -12.14
C LYS B 60 5.94 -11.10 -13.20
N PRO B 61 6.30 -11.10 -14.50
CA PRO B 61 5.22 -11.00 -15.48
C PRO B 61 4.30 -12.23 -15.48
N ALA B 62 4.88 -13.41 -15.29
CA ALA B 62 4.09 -14.64 -15.26
C ALA B 62 3.17 -14.67 -14.04
N ARG B 63 3.64 -14.08 -12.95
CA ARG B 63 2.87 -14.00 -11.71
C ARG B 63 1.69 -13.04 -11.85
N THR B 64 1.96 -11.86 -12.41
CA THR B 64 0.92 -10.87 -12.67
C THR B 64 -0.15 -11.47 -13.58
N ARG B 65 0.30 -12.29 -14.51
CA ARG B 65 -0.58 -12.96 -15.46
C ARG B 65 -1.54 -13.92 -14.76
N ILE B 66 -0.96 -14.88 -14.03
CA ILE B 66 -1.75 -15.91 -13.34
C ILE B 66 -2.67 -15.33 -12.27
N LEU B 67 -2.19 -14.30 -11.57
CA LEU B 67 -2.99 -13.65 -10.55
C LEU B 67 -4.22 -12.98 -11.15
N GLU B 68 -4.00 -12.20 -12.21
CA GLU B 68 -5.10 -11.54 -12.92
C GLU B 68 -6.06 -12.53 -13.55
N ARG B 69 -5.50 -13.55 -14.21
CA ARG B 69 -6.28 -14.44 -15.06
C ARG B 69 -6.99 -15.56 -14.32
N GLU B 70 -6.41 -16.00 -13.20
CA GLU B 70 -6.89 -17.21 -12.54
C GLU B 70 -7.25 -17.01 -11.06
N VAL B 71 -6.26 -16.61 -10.27
CA VAL B 71 -6.42 -16.51 -8.82
C VAL B 71 -7.47 -15.47 -8.41
N GLN B 72 -7.43 -14.30 -9.04
CA GLN B 72 -8.32 -13.20 -8.66
C GLN B 72 -9.70 -13.33 -9.29
N LYS B 73 -9.99 -14.49 -9.87
CA LYS B 73 -11.33 -14.79 -10.36
C LYS B 73 -12.20 -15.28 -9.20
N ASP B 74 -11.54 -15.57 -8.08
CA ASP B 74 -12.23 -16.06 -6.89
C ASP B 74 -12.09 -15.09 -5.72
N GLN B 75 -12.59 -15.52 -4.56
CA GLN B 75 -12.49 -14.76 -3.32
C GLN B 75 -11.04 -14.46 -2.98
N HIS B 76 -10.70 -13.18 -2.94
CA HIS B 76 -9.32 -12.78 -2.69
C HIS B 76 -9.21 -11.37 -2.10
N GLU B 77 -8.03 -11.04 -1.62
CA GLU B 77 -7.76 -9.70 -1.12
C GLU B 77 -6.43 -9.17 -1.66
N LYS B 78 -6.49 -8.09 -2.41
CA LYS B 78 -5.28 -7.45 -2.91
C LYS B 78 -4.68 -6.56 -1.83
N VAL B 79 -3.42 -6.81 -1.49
CA VAL B 79 -2.71 -5.96 -0.53
C VAL B 79 -1.60 -5.21 -1.23
N GLN B 80 -1.73 -3.89 -1.31
CA GLN B 80 -0.77 -3.07 -2.03
C GLN B 80 0.05 -2.19 -1.09
N GLY B 81 -0.09 -2.43 0.21
CA GLY B 81 0.66 -1.71 1.21
C GLY B 81 0.65 -2.42 2.54
N GLY B 82 1.69 -2.23 3.35
CA GLY B 82 2.78 -1.33 3.00
C GLY B 82 4.11 -2.05 2.83
N TYR B 83 4.51 -2.81 3.84
CA TYR B 83 5.78 -3.53 3.78
C TYR B 83 5.77 -4.55 2.66
N GLY B 84 6.83 -4.55 1.85
CA GLY B 84 6.92 -5.38 0.65
C GLY B 84 6.61 -6.85 0.82
N LYS B 85 7.24 -7.49 1.80
CA LYS B 85 7.10 -8.93 2.01
C LYS B 85 5.66 -9.34 2.34
N TYR B 86 4.88 -8.41 2.88
CA TYR B 86 3.49 -8.70 3.22
C TYR B 86 2.55 -8.50 2.03
N GLN B 87 2.96 -7.64 1.11
CA GLN B 87 2.14 -7.32 -0.05
C GLN B 87 1.87 -8.53 -0.94
N GLY B 88 0.80 -8.46 -1.70
CA GLY B 88 0.44 -9.52 -2.63
C GLY B 88 -1.05 -9.80 -2.62
N THR B 89 -1.45 -10.86 -3.30
CA THR B 89 -2.84 -11.29 -3.30
C THR B 89 -3.05 -12.39 -2.27
N TRP B 90 -4.01 -12.19 -1.37
CA TRP B 90 -4.28 -13.14 -0.31
C TRP B 90 -5.56 -13.91 -0.56
N ILE B 91 -5.52 -15.22 -0.29
CA ILE B 91 -6.68 -16.08 -0.51
C ILE B 91 -6.85 -17.04 0.67
N PRO B 92 -8.07 -17.57 0.86
CA PRO B 92 -8.30 -18.58 1.90
C PRO B 92 -7.31 -19.74 1.81
N LEU B 93 -7.02 -20.36 2.94
CA LEU B 93 -5.99 -21.39 3.03
C LEU B 93 -6.25 -22.58 2.08
N GLU B 94 -7.52 -22.97 1.96
CA GLU B 94 -7.90 -24.08 1.09
C GLU B 94 -7.62 -23.75 -0.37
N ALA B 95 -7.78 -22.48 -0.73
CA ALA B 95 -7.52 -22.03 -2.09
C ALA B 95 -6.01 -22.01 -2.35
N GLY B 96 -5.25 -21.65 -1.33
CA GLY B 96 -3.80 -21.59 -1.44
C GLY B 96 -3.18 -22.97 -1.50
N GLU B 97 -3.81 -23.93 -0.82
CA GLU B 97 -3.32 -25.30 -0.81
C GLU B 97 -3.51 -25.94 -2.18
N ALA B 98 -4.66 -25.67 -2.80
CA ALA B 98 -4.96 -26.20 -4.12
C ALA B 98 -4.03 -25.60 -5.16
N LEU B 99 -3.72 -24.31 -5.00
CA LEU B 99 -2.81 -23.61 -5.91
C LEU B 99 -1.41 -24.19 -5.82
N ALA B 100 -1.01 -24.60 -4.62
CA ALA B 100 0.31 -25.18 -4.42
C ALA B 100 0.41 -26.56 -5.03
N HIS B 101 -0.67 -27.34 -4.89
CA HIS B 101 -0.72 -28.68 -5.46
C HIS B 101 -0.75 -28.65 -6.98
N ARG B 102 -1.45 -27.67 -7.54
CA ARG B 102 -1.60 -27.57 -8.99
C ARG B 102 -0.29 -27.15 -9.65
N ASN B 103 0.54 -26.43 -8.90
CA ASN B 103 1.84 -26.00 -9.42
C ASN B 103 2.97 -26.89 -8.93
N ASN B 104 2.61 -28.05 -8.37
CA ASN B 104 3.57 -29.04 -7.90
C ASN B 104 4.64 -28.47 -6.96
N ILE B 105 4.21 -27.65 -6.01
CA ILE B 105 5.14 -26.97 -5.12
C ILE B 105 4.78 -27.25 -3.66
N PHE B 106 3.85 -28.17 -3.44
CA PHE B 106 3.32 -28.43 -2.10
C PHE B 106 4.37 -29.02 -1.17
N ASP B 107 5.26 -29.84 -1.71
CA ASP B 107 6.27 -30.51 -0.90
C ASP B 107 7.28 -29.52 -0.33
N ARG B 108 7.54 -28.44 -1.07
CA ARG B 108 8.42 -27.39 -0.58
C ARG B 108 7.69 -26.48 0.41
N LEU B 109 6.36 -26.57 0.42
CA LEU B 109 5.53 -25.62 1.15
C LEU B 109 4.68 -26.24 2.25
N ARG B 110 4.70 -27.57 2.35
CA ARG B 110 3.75 -28.25 3.25
C ARG B 110 3.80 -27.83 4.74
N PRO B 111 4.95 -27.36 5.27
CA PRO B 111 4.83 -27.00 6.69
C PRO B 111 3.86 -25.85 6.98
N ILE B 112 3.73 -24.89 6.06
CA ILE B 112 2.86 -23.75 6.28
C ILE B 112 1.39 -24.14 6.14
N PHE B 113 1.13 -25.25 5.47
CA PHE B 113 -0.23 -25.74 5.27
C PHE B 113 -0.65 -26.72 6.35
N GLU B 114 0.32 -27.44 6.91
CA GLU B 114 0.04 -28.44 7.92
C GLU B 114 0.27 -27.91 9.32
N PHE B 115 0.36 -26.59 9.44
CA PHE B 115 0.64 -25.95 10.71
C PHE B 115 -0.63 -25.69 11.51
N SER B 116 -0.68 -26.23 12.73
CA SER B 116 -1.79 -25.98 13.64
C SER B 116 -1.26 -25.45 14.97
N PRO B 117 -1.32 -24.12 15.14
CA PRO B 117 -0.66 -23.47 16.28
C PRO B 117 -1.41 -23.57 17.60
N GLY B 118 -0.65 -23.74 18.67
CA GLY B 118 -1.08 -23.37 20.00
C GLY B 118 -0.37 -22.04 20.24
N PRO B 119 -0.19 -21.67 21.51
CA PRO B 119 0.61 -20.47 21.75
C PRO B 119 2.06 -20.77 22.13
N ASP B 120 3.06 -20.29 21.39
CA ASP B 120 2.92 -19.52 20.15
C ASP B 120 4.24 -19.62 19.36
N SER B 121 4.19 -19.39 18.06
CA SER B 121 5.37 -19.53 17.20
C SER B 121 6.44 -18.48 17.54
N PRO B 122 7.72 -18.87 17.47
CA PRO B 122 8.86 -18.01 17.85
C PRO B 122 9.19 -16.92 16.83
N PRO B 123 9.82 -15.82 17.27
CA PRO B 123 10.27 -14.73 16.41
C PRO B 123 11.32 -15.17 15.38
N PRO B 124 11.47 -14.41 14.29
CA PRO B 124 12.44 -14.78 13.24
C PRO B 124 13.88 -14.49 13.65
N ALA B 125 14.80 -14.64 12.70
CA ALA B 125 16.21 -14.38 12.95
C ALA B 125 16.58 -12.96 12.54
N PRO B 126 17.64 -12.44 13.16
CA PRO B 126 18.11 -11.08 12.87
C PRO B 126 19.19 -11.09 11.80
#